data_3NEG
#
_entry.id   3NEG
#
_cell.length_a   130.23
_cell.length_b   130.23
_cell.length_c   88.25
_cell.angle_alpha   90.00
_cell.angle_beta   90.00
_cell.angle_gamma   120.00
#
_symmetry.space_group_name_H-M   'P 31 2 1'
#
loop_
_entity.id
_entity.type
_entity.pdbx_description
1 polymer 'Abscisic acid receptor PYL1'
2 non-polymer 4-bromo-N-(pyridin-2-ylmethyl)naphthalene-1-sulfonamide
3 non-polymer 'BROMIDE ION'
4 water water
#
_entity_poly.entity_id   1
_entity_poly.type   'polypeptide(L)'
_entity_poly.pdbx_seq_one_letter_code
;ISTLHHQTMPSDLTQDEFTQLSQSIAEFHTYQLGNGRCSSLLAQRIHAPPETVWSVVRRFDRPQIYKHFIKSCNVSEDFE
MRVGCTRDVNVISGLPANTSRERLDLLDDDRRVTGFSITGGEHRLRNYKSVTTVHRFEKEEEEERIWTVVLESYVVDVPE
GNSEEDTRLFADTVIRLNLQKLASITEAMNRNNNNNNSSQVR
;
_entity_poly.pdbx_strand_id   A,B
#
# COMPACT_ATOMS: atom_id res chain seq x y z
N HIS A 5 -20.34 -14.49 -25.71
CA HIS A 5 -18.90 -14.69 -25.87
C HIS A 5 -18.22 -13.47 -26.49
N HIS A 6 -17.18 -12.96 -25.84
CA HIS A 6 -16.57 -11.68 -26.23
C HIS A 6 -15.15 -11.78 -26.80
N GLN A 7 -14.34 -10.74 -26.56
CA GLN A 7 -12.93 -10.73 -26.97
C GLN A 7 -12.07 -9.81 -26.07
N THR A 8 -11.14 -10.43 -25.34
CA THR A 8 -10.18 -9.67 -24.54
C THR A 8 -8.77 -9.72 -25.15
N MET A 9 -7.87 -8.92 -24.59
CA MET A 9 -6.47 -8.86 -25.02
C MET A 9 -5.65 -9.95 -24.29
N PRO A 10 -4.34 -10.04 -24.57
CA PRO A 10 -3.57 -11.05 -23.83
C PRO A 10 -3.03 -10.54 -22.50
N SER A 11 -3.00 -9.22 -22.31
CA SER A 11 -2.57 -8.65 -21.04
C SER A 11 -3.63 -8.84 -19.94
N ASP A 12 -4.90 -8.84 -20.36
CA ASP A 12 -6.04 -9.18 -19.51
C ASP A 12 -6.00 -10.64 -19.07
N LEU A 13 -6.40 -10.89 -17.82
CA LEU A 13 -6.37 -12.26 -17.27
C LEU A 13 -7.38 -13.19 -17.92
N THR A 14 -7.04 -14.48 -17.94
CA THR A 14 -7.97 -15.50 -18.39
C THR A 14 -8.84 -15.80 -17.18
N GLN A 15 -9.92 -16.54 -17.41
CA GLN A 15 -10.86 -16.90 -16.36
C GLN A 15 -10.20 -17.71 -15.24
N ASP A 16 -9.49 -18.80 -15.59
CA ASP A 16 -8.85 -19.65 -14.58
C ASP A 16 -7.92 -18.77 -13.80
N GLU A 17 -7.22 -17.91 -14.51
CA GLU A 17 -6.29 -17.01 -13.88
C GLU A 17 -7.02 -16.14 -12.86
N PHE A 18 -8.10 -15.52 -13.31
CA PHE A 18 -8.86 -14.64 -12.42
C PHE A 18 -9.47 -15.34 -11.20
N THR A 19 -9.92 -16.58 -11.36
CA THR A 19 -10.49 -17.23 -10.20
C THR A 19 -9.43 -17.53 -9.14
N GLN A 20 -8.20 -17.81 -9.55
CA GLN A 20 -7.15 -18.05 -8.57
C GLN A 20 -6.65 -16.76 -7.91
N LEU A 21 -6.65 -15.67 -8.67
CA LEU A 21 -6.00 -14.43 -8.25
C LEU A 21 -6.95 -13.36 -7.71
N SER A 22 -8.24 -13.57 -7.84
CA SER A 22 -9.22 -12.55 -7.50
C SER A 22 -8.92 -11.87 -6.17
N GLN A 23 -8.58 -12.64 -5.15
CA GLN A 23 -8.34 -12.07 -3.83
C GLN A 23 -7.13 -11.13 -3.91
N SER A 24 -6.07 -11.61 -4.55
CA SER A 24 -4.90 -10.79 -4.71
C SER A 24 -5.27 -9.47 -5.39
N ILE A 25 -6.06 -9.53 -6.46
CA ILE A 25 -6.52 -8.32 -7.10
C ILE A 25 -7.25 -7.43 -6.10
N ALA A 26 -8.13 -8.05 -5.33
CA ALA A 26 -8.90 -7.31 -4.34
C ALA A 26 -8.02 -6.53 -3.38
N GLU A 27 -6.93 -7.14 -2.94
CA GLU A 27 -6.10 -6.52 -1.91
C GLU A 27 -5.13 -5.46 -2.50
N PHE A 28 -4.35 -5.91 -3.48
CA PHE A 28 -3.22 -5.15 -3.99
C PHE A 28 -3.46 -4.30 -5.25
N HIS A 29 -4.24 -4.81 -6.18
CA HIS A 29 -4.36 -4.18 -7.49
C HIS A 29 -5.66 -3.45 -7.73
N THR A 30 -6.15 -2.75 -6.71
CA THR A 30 -7.42 -2.03 -6.86
C THR A 30 -7.32 -0.63 -6.29
N TYR A 31 -7.76 0.36 -7.05
CA TYR A 31 -7.51 1.74 -6.66
C TYR A 31 -8.77 2.54 -6.65
N GLN A 32 -8.74 3.64 -5.91
CA GLN A 32 -9.82 4.59 -5.92
C GLN A 32 -9.74 5.43 -7.17
N LEU A 33 -10.73 5.33 -8.04
CA LEU A 33 -10.70 6.06 -9.29
C LEU A 33 -11.45 7.36 -9.16
N GLY A 34 -12.12 7.77 -10.23
CA GLY A 34 -12.85 9.03 -10.24
C GLY A 34 -11.97 10.28 -10.16
N ASN A 35 -12.48 11.38 -10.71
CA ASN A 35 -11.82 12.69 -10.64
C ASN A 35 -10.45 12.74 -11.32
N GLY A 36 -10.44 12.46 -12.62
CA GLY A 36 -9.25 12.56 -13.44
C GLY A 36 -8.15 11.59 -13.07
N ARG A 37 -8.53 10.42 -12.57
CA ARG A 37 -7.54 9.38 -12.36
C ARG A 37 -7.80 8.25 -13.33
N CYS A 38 -6.85 7.34 -13.45
CA CYS A 38 -7.06 6.13 -14.23
C CYS A 38 -6.10 5.05 -13.78
N SER A 39 -6.53 3.81 -13.93
CA SER A 39 -5.72 2.70 -13.46
C SER A 39 -5.85 1.56 -14.43
N SER A 40 -4.99 0.57 -14.24
CA SER A 40 -5.02 -0.57 -15.10
C SER A 40 -4.33 -1.76 -14.47
N LEU A 41 -4.62 -2.93 -15.02
CA LEU A 41 -4.07 -4.16 -14.51
C LEU A 41 -3.52 -4.99 -15.65
N LEU A 42 -2.28 -5.44 -15.52
CA LEU A 42 -1.72 -6.33 -16.54
C LEU A 42 -1.16 -7.64 -15.99
N ALA A 43 -1.40 -8.72 -16.73
CA ALA A 43 -0.86 -10.04 -16.36
C ALA A 43 0.20 -10.46 -17.33
N GLN A 44 1.10 -11.31 -16.86
CA GLN A 44 2.08 -11.94 -17.74
C GLN A 44 2.35 -13.33 -17.21
N ARG A 45 2.19 -14.35 -18.06
CA ARG A 45 2.53 -15.69 -17.63
C ARG A 45 4.00 -15.93 -17.94
N ILE A 46 4.70 -16.65 -17.06
CA ILE A 46 6.13 -16.91 -17.22
C ILE A 46 6.48 -18.35 -16.87
N HIS A 47 6.99 -19.11 -17.83
CA HIS A 47 7.39 -20.49 -17.55
C HIS A 47 8.71 -20.54 -16.79
N ALA A 48 8.65 -20.07 -15.55
CA ALA A 48 9.77 -20.10 -14.64
C ALA A 48 9.21 -20.13 -13.22
N PRO A 49 10.01 -20.59 -12.27
CA PRO A 49 9.47 -20.69 -10.90
C PRO A 49 9.35 -19.31 -10.26
N PRO A 50 8.33 -19.12 -9.44
CA PRO A 50 8.08 -17.82 -8.81
C PRO A 50 9.30 -17.30 -8.10
N GLU A 51 10.11 -18.20 -7.55
CA GLU A 51 11.21 -17.72 -6.74
C GLU A 51 12.22 -16.95 -7.58
N THR A 52 12.51 -17.47 -8.76
CA THR A 52 13.38 -16.79 -9.70
C THR A 52 12.78 -15.46 -10.12
N VAL A 53 11.53 -15.50 -10.58
CA VAL A 53 10.89 -14.27 -11.04
C VAL A 53 10.88 -13.21 -9.94
N TRP A 54 10.61 -13.61 -8.71
CA TRP A 54 10.54 -12.65 -7.63
C TRP A 54 11.89 -12.00 -7.42
N SER A 55 12.94 -12.80 -7.41
CA SER A 55 14.25 -12.24 -7.11
C SER A 55 14.62 -11.07 -8.04
N VAL A 56 14.16 -11.10 -9.30
CA VAL A 56 14.40 -9.99 -10.23
C VAL A 56 13.48 -8.78 -9.94
N VAL A 57 12.18 -9.05 -9.89
CA VAL A 57 11.17 -8.05 -9.66
C VAL A 57 11.46 -7.22 -8.40
N ARG A 58 12.05 -7.86 -7.39
CA ARG A 58 12.26 -7.19 -6.12
C ARG A 58 13.44 -6.22 -6.13
N ARG A 59 14.35 -6.39 -7.09
CA ARG A 59 15.56 -5.55 -7.15
C ARG A 59 15.25 -4.10 -7.43
N PHE A 60 14.80 -3.36 -6.42
CA PHE A 60 14.34 -2.01 -6.64
C PHE A 60 15.47 -1.13 -7.15
N ASP A 61 16.70 -1.49 -6.81
CA ASP A 61 17.83 -0.65 -7.15
C ASP A 61 18.30 -0.90 -8.56
N ARG A 62 17.95 -2.05 -9.13
CA ARG A 62 18.36 -2.37 -10.49
C ARG A 62 17.18 -2.69 -11.41
N PRO A 63 16.32 -1.69 -11.66
CA PRO A 63 15.16 -1.96 -12.52
C PRO A 63 15.58 -2.23 -13.96
N GLN A 64 16.72 -1.66 -14.38
CA GLN A 64 17.26 -1.87 -15.72
C GLN A 64 17.24 -3.32 -16.15
N ILE A 65 17.45 -4.21 -15.18
CA ILE A 65 17.55 -5.64 -15.44
C ILE A 65 16.41 -6.14 -16.33
N TYR A 66 15.27 -5.50 -16.26
CA TYR A 66 14.16 -5.97 -17.09
C TYR A 66 13.27 -4.88 -17.67
N LYS A 67 13.24 -3.70 -17.05
CA LYS A 67 12.53 -2.58 -17.64
C LYS A 67 13.34 -2.01 -18.82
N HIS A 68 12.63 -1.56 -19.85
CA HIS A 68 13.25 -0.96 -21.02
C HIS A 68 13.43 0.54 -20.85
N PHE A 69 14.28 1.12 -21.70
CA PHE A 69 14.29 2.55 -21.88
C PHE A 69 15.01 3.28 -20.75
N ILE A 70 15.74 2.56 -19.94
CA ILE A 70 16.48 3.19 -18.87
C ILE A 70 17.94 3.41 -19.28
N LYS A 71 18.38 4.66 -19.27
CA LYS A 71 19.79 4.94 -19.57
C LYS A 71 20.61 4.69 -18.32
N SER A 72 19.98 4.83 -17.17
CA SER A 72 20.68 4.64 -15.93
C SER A 72 19.75 4.85 -14.75
N CYS A 73 20.11 4.27 -13.63
CA CYS A 73 19.32 4.41 -12.44
C CYS A 73 20.25 4.45 -11.26
N ASN A 74 20.37 5.63 -10.66
CA ASN A 74 21.25 5.78 -9.51
C ASN A 74 20.47 5.77 -8.21
N VAL A 75 20.97 5.01 -7.25
CA VAL A 75 20.52 5.13 -5.88
C VAL A 75 21.67 5.77 -5.10
N SER A 76 21.41 6.17 -3.86
CA SER A 76 22.45 6.81 -3.06
C SER A 76 23.46 5.79 -2.52
N GLU A 77 24.36 6.25 -1.65
CA GLU A 77 25.38 5.37 -1.10
C GLU A 77 24.90 4.62 0.14
N ASP A 78 24.43 5.36 1.12
CA ASP A 78 23.84 4.77 2.32
C ASP A 78 22.48 4.15 2.02
N PHE A 79 22.25 3.89 0.74
CA PHE A 79 21.03 3.26 0.25
C PHE A 79 20.94 1.82 0.72
N GLU A 80 19.98 1.55 1.60
CA GLU A 80 19.56 0.18 1.92
C GLU A 80 18.21 0.00 1.25
N MET A 81 18.00 -1.15 0.61
CA MET A 81 16.74 -1.37 -0.08
C MET A 81 15.64 -1.67 0.92
N ARG A 82 14.97 -0.62 1.36
CA ARG A 82 13.89 -0.78 2.30
C ARG A 82 12.86 0.31 2.08
N VAL A 83 11.63 0.03 2.46
CA VAL A 83 10.51 0.92 2.29
C VAL A 83 10.88 2.37 2.59
N GLY A 84 10.50 3.27 1.68
CA GLY A 84 10.79 4.68 1.84
C GLY A 84 11.99 5.16 1.03
N CYS A 85 12.81 4.21 0.56
CA CYS A 85 14.02 4.53 -0.14
C CYS A 85 13.74 4.87 -1.61
N THR A 86 14.69 5.50 -2.30
CA THR A 86 14.37 6.09 -3.59
C THR A 86 15.40 5.82 -4.70
N ARG A 87 14.97 6.01 -5.93
CA ARG A 87 15.86 5.85 -7.06
C ARG A 87 15.64 6.95 -8.08
N ASP A 88 16.72 7.46 -8.64
CA ASP A 88 16.61 8.46 -9.71
C ASP A 88 16.94 7.73 -11.00
N VAL A 89 15.97 7.65 -11.90
CA VAL A 89 16.16 6.91 -13.12
C VAL A 89 16.12 7.85 -14.27
N ASN A 90 17.08 7.65 -15.18
CA ASN A 90 17.20 8.45 -16.39
C ASN A 90 16.79 7.69 -17.63
N VAL A 91 15.84 8.25 -18.37
CA VAL A 91 15.36 7.61 -19.58
C VAL A 91 16.28 7.88 -20.73
N ILE A 92 16.35 6.93 -21.66
CA ILE A 92 17.13 7.14 -22.86
C ILE A 92 16.64 8.39 -23.59
N SER A 93 17.51 8.91 -24.45
CA SER A 93 17.25 10.14 -25.17
C SER A 93 16.29 9.90 -26.30
N GLY A 94 15.41 10.86 -26.52
CA GLY A 94 14.47 10.79 -27.63
C GLY A 94 13.06 10.43 -27.22
N LEU A 95 12.88 10.04 -25.96
CA LEU A 95 11.54 9.76 -25.50
C LEU A 95 10.89 10.96 -24.85
N PRO A 96 9.57 10.86 -24.61
CA PRO A 96 8.74 11.90 -24.01
C PRO A 96 8.88 11.96 -22.49
N ALA A 97 9.88 11.30 -21.93
CA ALA A 97 10.19 11.44 -20.52
C ALA A 97 11.69 11.39 -20.29
N ASN A 98 12.23 12.36 -19.58
CA ASN A 98 13.68 12.41 -19.41
C ASN A 98 14.14 11.77 -18.09
N THR A 99 13.60 12.22 -16.97
CA THR A 99 13.96 11.63 -15.68
C THR A 99 12.76 11.26 -14.83
N SER A 100 12.97 10.30 -13.93
CA SER A 100 11.94 9.88 -13.00
C SER A 100 12.58 9.61 -11.64
N ARG A 101 11.93 10.07 -10.58
CA ARG A 101 12.34 9.76 -9.21
C ARG A 101 11.24 8.95 -8.51
N GLU A 102 11.60 7.78 -8.02
CA GLU A 102 10.61 6.83 -7.56
C GLU A 102 10.92 6.39 -6.14
N ARG A 103 9.89 6.21 -5.33
CA ARG A 103 10.05 5.77 -3.96
C ARG A 103 9.46 4.39 -3.82
N LEU A 104 10.19 3.50 -3.13
CA LEU A 104 9.69 2.17 -2.83
C LEU A 104 8.64 2.20 -1.72
N ASP A 105 7.45 1.67 -2.00
CA ASP A 105 6.32 1.73 -1.05
C ASP A 105 6.10 0.47 -0.24
N LEU A 106 6.60 -0.64 -0.77
CA LEU A 106 6.04 -1.93 -0.47
C LEU A 106 7.07 -3.01 -0.80
N LEU A 107 7.42 -3.82 0.20
CA LEU A 107 8.39 -4.88 -0.07
C LEU A 107 8.17 -6.01 0.90
N ASP A 108 7.57 -7.09 0.40
CA ASP A 108 7.19 -8.22 1.23
C ASP A 108 7.71 -9.50 0.60
N ASP A 109 8.83 -9.99 1.08
CA ASP A 109 9.43 -11.21 0.53
C ASP A 109 8.62 -12.47 0.84
N ASP A 110 7.63 -12.36 1.71
CA ASP A 110 6.84 -13.53 2.09
C ASP A 110 5.74 -13.74 1.09
N ARG A 111 5.07 -12.65 0.74
CA ARG A 111 3.92 -12.69 -0.15
C ARG A 111 4.27 -12.26 -1.57
N ARG A 112 5.56 -12.01 -1.81
CA ARG A 112 6.04 -11.55 -3.11
C ARG A 112 5.21 -10.40 -3.66
N VAL A 113 5.20 -9.29 -2.92
CA VAL A 113 4.48 -8.10 -3.30
C VAL A 113 5.42 -6.91 -3.24
N THR A 114 5.39 -6.07 -4.26
CA THR A 114 6.16 -4.84 -4.23
C THR A 114 5.47 -3.72 -5.00
N GLY A 115 5.82 -2.48 -4.66
CA GLY A 115 5.21 -1.33 -5.28
C GLY A 115 6.02 -0.07 -5.07
N PHE A 116 6.01 0.83 -6.05
CA PHE A 116 6.67 2.10 -5.91
C PHE A 116 5.75 3.24 -6.34
N SER A 117 6.08 4.47 -5.96
CA SER A 117 5.41 5.65 -6.49
C SER A 117 6.41 6.55 -7.22
N ILE A 118 5.89 7.40 -8.09
CA ILE A 118 6.71 8.35 -8.82
C ILE A 118 6.51 9.76 -8.25
N THR A 119 7.57 10.37 -7.76
CA THR A 119 7.40 11.53 -6.90
C THR A 119 8.17 12.83 -7.17
N GLY A 120 8.33 13.30 -8.40
CA GLY A 120 8.09 12.59 -9.64
C GLY A 120 9.31 12.81 -10.55
N GLY A 121 9.23 13.79 -11.44
CA GLY A 121 10.40 14.14 -12.26
C GLY A 121 10.06 14.80 -13.58
N GLU A 122 10.87 14.55 -14.60
CA GLU A 122 10.64 15.16 -15.91
C GLU A 122 9.78 14.27 -16.79
N HIS A 123 8.46 14.28 -16.56
CA HIS A 123 7.53 13.44 -17.30
C HIS A 123 6.09 13.82 -17.01
N ARG A 124 5.17 13.11 -17.63
CA ARG A 124 3.75 13.39 -17.47
C ARG A 124 2.96 12.18 -17.00
N LEU A 125 3.47 11.53 -15.95
CA LEU A 125 2.73 10.51 -15.22
C LEU A 125 2.67 10.92 -13.74
N ARG A 126 1.96 12.00 -13.45
CA ARG A 126 1.89 12.54 -12.10
C ARG A 126 1.22 11.61 -11.08
N ASN A 127 1.92 11.30 -10.00
CA ASN A 127 1.29 10.57 -8.91
C ASN A 127 0.97 9.14 -9.29
N TYR A 128 1.83 8.58 -10.13
CA TYR A 128 1.75 7.18 -10.50
C TYR A 128 2.11 6.33 -9.28
N LYS A 129 1.32 5.28 -9.05
CA LYS A 129 1.55 4.36 -7.95
C LYS A 129 1.38 3.00 -8.58
N SER A 130 2.38 2.13 -8.43
CA SER A 130 2.28 0.82 -9.02
C SER A 130 2.49 -0.26 -7.98
N VAL A 131 1.86 -1.41 -8.21
CA VAL A 131 2.10 -2.58 -7.40
C VAL A 131 2.25 -3.78 -8.33
N THR A 132 3.13 -4.70 -7.94
CA THR A 132 3.46 -5.85 -8.75
C THR A 132 3.47 -7.00 -7.79
N THR A 133 2.80 -8.09 -8.16
CA THR A 133 2.74 -9.27 -7.32
C THR A 133 3.08 -10.51 -8.14
N VAL A 134 3.72 -11.50 -7.53
CA VAL A 134 4.01 -12.72 -8.27
C VAL A 134 3.32 -13.92 -7.64
N HIS A 135 2.93 -14.87 -8.48
CA HIS A 135 2.09 -15.96 -8.01
C HIS A 135 2.54 -17.29 -8.56
N ARG A 136 2.22 -18.37 -7.84
CA ARG A 136 2.53 -19.71 -8.31
C ARG A 136 1.31 -20.33 -8.97
N PHE A 137 1.56 -21.20 -9.94
CA PHE A 137 0.49 -21.82 -10.71
C PHE A 137 0.84 -23.27 -11.01
N GLU A 138 -0.13 -24.17 -10.82
CA GLU A 138 0.07 -25.61 -10.96
C GLU A 138 -1.01 -26.30 -11.81
N LYS A 139 -0.66 -27.45 -12.40
CA LYS A 139 -1.62 -28.28 -13.13
C LYS A 139 -1.38 -29.77 -12.83
N ARG A 145 4.96 -29.60 -13.63
CA ARG A 145 4.73 -28.48 -14.55
C ARG A 145 4.31 -27.24 -13.77
N ILE A 146 5.26 -26.33 -13.50
CA ILE A 146 5.06 -25.25 -12.53
C ILE A 146 5.38 -23.86 -13.09
N TRP A 147 4.37 -23.04 -13.31
CA TRP A 147 4.62 -21.71 -13.86
C TRP A 147 4.25 -20.53 -12.94
N THR A 148 4.59 -19.32 -13.38
CA THR A 148 4.36 -18.12 -12.58
C THR A 148 3.43 -17.17 -13.32
N VAL A 149 2.67 -16.39 -12.57
CA VAL A 149 1.94 -15.28 -13.16
C VAL A 149 2.29 -14.02 -12.40
N VAL A 150 2.68 -12.98 -13.15
CA VAL A 150 2.97 -11.67 -12.60
C VAL A 150 1.83 -10.72 -12.92
N LEU A 151 1.37 -10.01 -11.89
CA LEU A 151 0.33 -9.01 -12.05
C LEU A 151 0.94 -7.65 -11.76
N GLU A 152 0.71 -6.69 -12.65
CA GLU A 152 1.16 -5.34 -12.34
C GLU A 152 0.01 -4.42 -12.57
N SER A 153 -0.23 -3.56 -11.60
CA SER A 153 -1.25 -2.55 -11.77
C SER A 153 -0.66 -1.19 -11.42
N TYR A 154 -1.42 -0.14 -11.70
CA TYR A 154 -0.98 1.18 -11.32
C TYR A 154 -2.18 2.06 -11.32
N VAL A 155 -2.06 3.21 -10.69
CA VAL A 155 -3.01 4.29 -10.89
C VAL A 155 -2.18 5.53 -11.10
N VAL A 156 -2.75 6.54 -11.75
CA VAL A 156 -1.98 7.71 -12.15
C VAL A 156 -2.93 8.81 -12.56
N ASP A 157 -2.45 10.06 -12.57
CA ASP A 157 -3.28 11.21 -12.91
C ASP A 157 -3.45 11.35 -14.42
N VAL A 158 -4.62 11.78 -14.87
CA VAL A 158 -4.83 12.01 -16.29
C VAL A 158 -4.58 13.47 -16.60
N PRO A 159 -3.47 13.75 -17.30
CA PRO A 159 -2.97 15.08 -17.70
C PRO A 159 -4.05 15.95 -18.33
N GLU A 160 -3.91 17.26 -18.19
CA GLU A 160 -4.92 18.24 -18.61
C GLU A 160 -5.74 17.90 -19.86
N GLY A 161 -5.15 18.07 -21.03
CA GLY A 161 -5.87 17.87 -22.27
C GLY A 161 -5.69 16.49 -22.89
N ASN A 162 -5.69 15.46 -22.06
CA ASN A 162 -5.56 14.09 -22.53
C ASN A 162 -6.75 13.25 -22.09
N SER A 163 -7.03 12.20 -22.85
CA SER A 163 -8.11 11.30 -22.48
C SER A 163 -7.56 10.23 -21.57
N GLU A 164 -8.42 9.63 -20.78
CA GLU A 164 -7.99 8.57 -19.90
C GLU A 164 -7.56 7.35 -20.74
N GLU A 165 -8.24 7.10 -21.85
CA GLU A 165 -7.81 6.00 -22.70
C GLU A 165 -6.38 6.22 -23.22
N ASP A 166 -6.06 7.44 -23.60
CA ASP A 166 -4.70 7.76 -24.05
C ASP A 166 -3.67 7.42 -22.97
N THR A 167 -3.88 7.96 -21.78
CA THR A 167 -2.97 7.69 -20.66
C THR A 167 -2.83 6.20 -20.34
N ARG A 168 -3.92 5.44 -20.41
CA ARG A 168 -3.81 4.02 -20.10
C ARG A 168 -3.00 3.30 -21.16
N LEU A 169 -3.31 3.57 -22.42
CA LEU A 169 -2.53 3.02 -23.53
C LEU A 169 -1.03 3.18 -23.33
N PHE A 170 -0.61 4.41 -23.04
CA PHE A 170 0.77 4.77 -22.74
C PHE A 170 1.39 3.89 -21.68
N ALA A 171 0.95 4.07 -20.43
CA ALA A 171 1.46 3.28 -19.31
C ALA A 171 1.41 1.79 -19.62
N ASP A 172 0.26 1.31 -20.08
CA ASP A 172 0.14 -0.08 -20.49
C ASP A 172 1.30 -0.56 -21.36
N THR A 173 1.73 0.26 -22.32
CA THR A 173 2.76 -0.22 -23.24
C THR A 173 4.09 -0.43 -22.55
N VAL A 174 4.46 0.52 -21.72
CA VAL A 174 5.72 0.40 -21.02
C VAL A 174 5.70 -0.84 -20.15
N ILE A 175 4.59 -1.02 -19.43
CA ILE A 175 4.52 -2.13 -18.52
C ILE A 175 4.49 -3.41 -19.31
N ARG A 176 3.71 -3.41 -20.38
CA ARG A 176 3.60 -4.64 -21.13
C ARG A 176 4.95 -5.08 -21.68
N LEU A 177 5.74 -4.15 -22.22
CA LEU A 177 7.03 -4.56 -22.76
C LEU A 177 7.93 -5.00 -21.63
N ASN A 178 7.91 -4.25 -20.54
CA ASN A 178 8.72 -4.62 -19.42
C ASN A 178 8.52 -6.07 -19.02
N LEU A 179 7.25 -6.46 -18.87
CA LEU A 179 6.97 -7.81 -18.43
C LEU A 179 7.43 -8.82 -19.44
N GLN A 180 7.37 -8.47 -20.72
CA GLN A 180 7.84 -9.39 -21.74
C GLN A 180 9.33 -9.61 -21.59
N LYS A 181 10.04 -8.57 -21.17
CA LYS A 181 11.48 -8.68 -21.02
C LYS A 181 11.68 -9.56 -19.82
N LEU A 182 10.92 -9.31 -18.77
CA LEU A 182 10.97 -10.10 -17.54
C LEU A 182 10.76 -11.57 -17.82
N ALA A 183 9.70 -11.87 -18.54
CA ALA A 183 9.43 -13.22 -18.97
C ALA A 183 10.65 -13.79 -19.66
N SER A 184 11.15 -13.04 -20.63
CA SER A 184 12.23 -13.50 -21.48
C SER A 184 13.52 -13.89 -20.76
N ILE A 185 13.99 -13.04 -19.85
CA ILE A 185 15.22 -13.35 -19.14
C ILE A 185 15.02 -14.44 -18.13
N THR A 186 13.85 -14.49 -17.51
CA THR A 186 13.69 -15.43 -16.44
C THR A 186 13.45 -16.84 -17.00
N GLU A 187 12.80 -16.91 -18.15
CA GLU A 187 12.67 -18.20 -18.82
C GLU A 187 14.01 -18.60 -19.41
N ALA A 188 14.93 -17.66 -19.50
CA ALA A 188 16.08 -17.80 -20.36
C ALA A 188 16.95 -18.98 -20.02
N MET A 189 17.30 -19.12 -18.75
CA MET A 189 18.15 -20.25 -18.35
C MET A 189 17.34 -21.54 -18.27
N ASN A 190 16.11 -21.44 -17.75
CA ASN A 190 15.21 -22.58 -17.64
C ASN A 190 15.82 -23.72 -16.81
N ARG A 191 16.14 -24.83 -17.47
CA ARG A 191 16.62 -26.03 -16.79
C ARG A 191 17.27 -27.00 -17.77
N SER B 11 -28.57 6.09 13.30
CA SER B 11 -27.38 6.83 12.90
C SER B 11 -26.11 5.99 13.09
N ASP B 12 -25.94 4.99 12.22
CA ASP B 12 -24.74 4.14 12.17
C ASP B 12 -24.95 2.78 11.46
N LEU B 13 -24.48 2.64 10.22
CA LEU B 13 -23.77 3.68 9.46
C LEU B 13 -24.67 4.17 8.32
N THR B 14 -24.82 5.49 8.19
CA THR B 14 -25.75 6.10 7.24
C THR B 14 -25.53 5.65 5.78
N GLN B 15 -26.52 5.91 4.93
CA GLN B 15 -26.46 5.53 3.52
C GLN B 15 -25.65 6.52 2.68
N ASP B 16 -25.86 7.82 2.91
CA ASP B 16 -25.05 8.85 2.26
C ASP B 16 -23.58 8.51 2.45
N GLU B 17 -23.32 7.85 3.57
CA GLU B 17 -21.96 7.49 3.97
C GLU B 17 -21.44 6.25 3.25
N PHE B 18 -22.18 5.14 3.31
CA PHE B 18 -21.79 3.90 2.65
C PHE B 18 -21.24 4.17 1.24
N THR B 19 -21.80 5.17 0.55
CA THR B 19 -21.48 5.43 -0.86
C THR B 19 -20.04 5.90 -1.15
N GLN B 20 -19.63 6.97 -0.50
CA GLN B 20 -18.36 7.62 -0.83
C GLN B 20 -17.16 6.83 -0.33
N LEU B 21 -17.37 6.15 0.79
CA LEU B 21 -16.32 5.37 1.45
C LEU B 21 -15.95 4.13 0.66
N SER B 22 -16.84 3.69 -0.23
CA SER B 22 -16.65 2.40 -0.85
C SER B 22 -15.33 2.33 -1.57
N GLN B 23 -15.13 3.28 -2.48
CA GLN B 23 -13.94 3.34 -3.30
C GLN B 23 -12.71 3.26 -2.43
N SER B 24 -12.65 4.16 -1.45
CA SER B 24 -11.52 4.22 -0.54
C SER B 24 -11.23 2.84 0.05
N ILE B 25 -12.27 2.20 0.60
CA ILE B 25 -12.16 0.85 1.18
C ILE B 25 -11.55 -0.23 0.24
N ALA B 26 -11.84 -0.15 -1.04
CA ALA B 26 -11.25 -1.05 -2.03
C ALA B 26 -9.73 -0.92 -2.11
N GLU B 27 -9.24 0.33 -2.06
CA GLU B 27 -7.83 0.57 -2.21
C GLU B 27 -7.07 0.24 -0.95
N PHE B 28 -7.57 0.74 0.19
CA PHE B 28 -6.82 0.72 1.44
C PHE B 28 -7.17 -0.39 2.45
N HIS B 29 -8.44 -0.79 2.50
CA HIS B 29 -8.97 -1.61 3.58
C HIS B 29 -9.52 -3.00 3.18
N THR B 30 -9.04 -3.58 2.09
CA THR B 30 -9.55 -4.87 1.68
C THR B 30 -8.42 -5.87 1.69
N TYR B 31 -8.62 -6.99 2.38
CA TYR B 31 -7.60 -8.03 2.40
C TYR B 31 -8.14 -9.38 1.97
N GLN B 32 -7.22 -10.31 1.78
CA GLN B 32 -7.58 -11.67 1.44
C GLN B 32 -7.75 -12.44 2.75
N LEU B 33 -8.73 -13.35 2.80
CA LEU B 33 -9.22 -13.82 4.09
C LEU B 33 -8.61 -15.06 4.73
N GLY B 34 -8.07 -15.96 3.95
CA GLY B 34 -7.53 -17.18 4.54
C GLY B 34 -6.07 -17.15 4.96
N ASN B 35 -5.40 -18.27 4.70
CA ASN B 35 -3.96 -18.39 4.84
C ASN B 35 -3.40 -17.79 6.11
N GLY B 36 -3.84 -18.30 7.25
CA GLY B 36 -3.26 -17.95 8.52
C GLY B 36 -3.19 -16.47 8.82
N ARG B 37 -4.03 -15.69 8.17
CA ARG B 37 -4.06 -14.25 8.39
C ARG B 37 -5.43 -13.81 8.89
N CYS B 38 -5.43 -12.73 9.65
CA CYS B 38 -6.65 -12.19 10.21
C CYS B 38 -6.71 -10.70 9.87
N SER B 39 -7.87 -10.22 9.47
CA SER B 39 -8.02 -8.83 9.03
C SER B 39 -9.35 -8.30 9.55
N SER B 40 -9.47 -6.99 9.65
CA SER B 40 -10.69 -6.40 10.18
C SER B 40 -10.79 -4.90 9.89
N LEU B 41 -12.01 -4.39 9.77
CA LEU B 41 -12.23 -2.97 9.45
C LEU B 41 -13.17 -2.23 10.38
N LEU B 42 -12.71 -1.09 10.91
CA LEU B 42 -13.48 -0.33 11.90
C LEU B 42 -13.79 1.08 11.43
N ALA B 43 -14.97 1.56 11.76
CA ALA B 43 -15.38 2.90 11.39
C ALA B 43 -15.64 3.69 12.65
N GLN B 44 -15.69 5.00 12.55
CA GLN B 44 -15.92 5.86 13.69
C GLN B 44 -16.41 7.21 13.21
N ARG B 45 -17.66 7.51 13.52
CA ARG B 45 -18.16 8.86 13.26
C ARG B 45 -17.50 9.79 14.25
N ILE B 46 -17.11 10.98 13.79
CA ILE B 46 -16.58 12.01 14.67
C ILE B 46 -17.18 13.35 14.29
N HIS B 47 -17.80 14.02 15.26
CA HIS B 47 -18.37 15.33 15.00
C HIS B 47 -17.29 16.41 15.14
N ALA B 48 -16.54 16.59 14.07
CA ALA B 48 -15.48 17.59 14.01
C ALA B 48 -15.10 17.75 12.53
N PRO B 49 -14.19 18.69 12.24
CA PRO B 49 -13.77 18.80 10.84
C PRO B 49 -12.64 17.83 10.54
N PRO B 50 -12.66 17.23 9.34
CA PRO B 50 -11.63 16.29 8.89
C PRO B 50 -10.22 16.80 9.15
N GLU B 51 -10.00 18.08 8.92
CA GLU B 51 -8.69 18.72 9.12
C GLU B 51 -8.17 18.51 10.54
N THR B 52 -9.03 18.79 11.52
CA THR B 52 -8.64 18.66 12.92
C THR B 52 -8.30 17.22 13.27
N VAL B 53 -9.17 16.30 12.86
CA VAL B 53 -8.92 14.89 13.07
C VAL B 53 -7.61 14.48 12.40
N TRP B 54 -7.48 14.80 11.11
CA TRP B 54 -6.27 14.45 10.36
C TRP B 54 -5.00 14.97 11.04
N SER B 55 -5.07 16.17 11.61
CA SER B 55 -3.91 16.79 12.23
C SER B 55 -3.41 15.95 13.39
N VAL B 56 -4.27 15.07 13.89
CA VAL B 56 -3.87 14.15 14.95
C VAL B 56 -3.47 12.79 14.38
N VAL B 57 -4.24 12.32 13.40
CA VAL B 57 -3.97 11.00 12.84
C VAL B 57 -2.61 11.03 12.19
N ARG B 58 -2.31 12.14 11.52
CA ARG B 58 -1.08 12.23 10.76
C ARG B 58 0.12 12.25 11.72
N ARG B 59 -0.12 12.52 12.99
CA ARG B 59 1.00 12.71 13.91
C ARG B 59 1.72 11.40 14.23
N PHE B 60 2.49 10.88 13.29
CA PHE B 60 3.12 9.58 13.43
C PHE B 60 4.09 9.50 14.59
N ASP B 61 4.56 10.65 15.05
CA ASP B 61 5.47 10.69 16.19
C ASP B 61 4.74 10.86 17.53
N ARG B 62 3.44 11.13 17.48
CA ARG B 62 2.65 11.30 18.72
C ARG B 62 1.42 10.40 18.73
N PRO B 63 1.63 9.07 18.68
CA PRO B 63 0.52 8.13 18.61
C PRO B 63 -0.23 8.07 19.95
N GLN B 64 0.47 8.33 21.04
CA GLN B 64 -0.16 8.27 22.36
C GLN B 64 -1.02 9.50 22.65
N ILE B 65 -1.25 10.33 21.65
CA ILE B 65 -2.21 11.39 21.79
C ILE B 65 -3.61 10.79 21.89
N TYR B 66 -3.89 9.81 21.06
CA TYR B 66 -5.22 9.17 21.05
C TYR B 66 -5.22 7.66 21.32
N LYS B 67 -4.08 7.01 21.17
CA LYS B 67 -4.04 5.57 21.40
C LYS B 67 -3.83 5.28 22.89
N HIS B 68 -4.42 4.19 23.37
CA HIS B 68 -4.23 3.79 24.75
C HIS B 68 -3.06 2.81 24.83
N PHE B 69 -2.58 2.58 26.04
CA PHE B 69 -1.55 1.57 26.29
C PHE B 69 -0.18 1.94 25.76
N ILE B 70 0.05 3.24 25.57
CA ILE B 70 1.37 3.72 25.21
C ILE B 70 1.97 4.52 26.35
N LYS B 71 3.16 4.12 26.80
CA LYS B 71 3.81 4.78 27.93
C LYS B 71 4.78 5.85 27.43
N SER B 72 5.51 5.50 26.38
CA SER B 72 6.48 6.41 25.81
C SER B 72 6.66 6.01 24.38
N CYS B 73 6.79 7.01 23.51
CA CYS B 73 7.04 6.78 22.09
C CYS B 73 8.03 7.80 21.58
N ASN B 74 9.28 7.41 21.49
CA ASN B 74 10.29 8.30 20.95
C ASN B 74 10.76 7.89 19.56
N VAL B 75 11.30 8.87 18.83
CA VAL B 75 11.82 8.69 17.49
C VAL B 75 13.28 9.17 17.46
N SER B 76 13.91 9.15 16.28
CA SER B 76 15.24 9.74 16.11
C SER B 76 15.21 11.23 16.46
N GLU B 77 16.21 11.72 17.19
CA GLU B 77 16.25 13.14 17.52
C GLU B 77 16.51 14.00 16.27
N ASP B 78 16.71 13.32 15.14
CA ASP B 78 16.73 14.00 13.85
C ASP B 78 15.71 13.36 12.92
N PHE B 79 14.45 13.43 13.33
CA PHE B 79 13.35 12.72 12.71
C PHE B 79 12.63 13.57 11.68
N GLU B 80 12.34 12.97 10.53
CA GLU B 80 11.49 13.62 9.55
C GLU B 80 10.37 12.66 9.20
N MET B 81 9.15 13.12 9.37
CA MET B 81 8.01 12.28 9.04
C MET B 81 7.90 12.09 7.54
N ARG B 82 8.50 11.01 7.06
CA ARG B 82 8.31 10.60 5.67
C ARG B 82 8.22 9.07 5.61
N VAL B 83 7.62 8.57 4.53
CA VAL B 83 7.52 7.14 4.38
C VAL B 83 8.88 6.52 4.60
N GLY B 84 8.93 5.44 5.36
CA GLY B 84 10.16 4.74 5.62
C GLY B 84 10.65 4.90 7.04
N CYS B 85 10.27 6.01 7.68
CA CYS B 85 10.77 6.34 9.01
C CYS B 85 10.14 5.49 10.11
N THR B 86 10.83 5.36 11.25
CA THR B 86 10.42 4.42 12.27
C THR B 86 10.13 5.08 13.62
N ARG B 87 9.45 4.36 14.51
CA ARG B 87 9.14 4.85 15.85
C ARG B 87 9.12 3.69 16.82
N ASP B 88 9.79 3.86 17.96
CA ASP B 88 9.72 2.85 19.00
C ASP B 88 8.62 3.24 19.97
N VAL B 89 7.74 2.31 20.30
CA VAL B 89 6.74 2.58 21.35
C VAL B 89 6.89 1.58 22.48
N ASN B 90 6.81 2.07 23.71
CA ASN B 90 6.71 1.17 24.84
C ASN B 90 5.28 0.99 25.25
N VAL B 91 4.79 -0.23 25.07
CA VAL B 91 3.40 -0.57 25.35
C VAL B 91 3.26 -1.12 26.76
N ILE B 92 2.21 -0.69 27.47
CA ILE B 92 1.80 -1.37 28.69
C ILE B 92 0.90 -2.54 28.37
N SER B 93 1.41 -3.74 28.57
CA SER B 93 0.58 -4.95 28.50
C SER B 93 0.69 -5.68 29.85
N GLY B 94 1.14 -4.93 30.85
CA GLY B 94 1.30 -5.44 32.20
C GLY B 94 2.47 -6.41 32.26
N LEU B 95 2.87 -6.87 31.08
CA LEU B 95 3.96 -7.79 30.92
C LEU B 95 5.22 -6.99 30.63
N PRO B 96 6.37 -7.45 31.15
CA PRO B 96 7.66 -6.77 31.22
C PRO B 96 7.73 -5.39 30.55
N ALA B 97 8.71 -5.20 29.66
CA ALA B 97 8.92 -3.90 29.02
C ALA B 97 8.68 -4.00 27.52
N ASN B 98 7.51 -4.50 27.14
CA ASN B 98 7.14 -4.68 25.74
C ASN B 98 7.48 -3.48 24.87
N THR B 99 8.39 -3.66 23.91
CA THR B 99 8.76 -2.60 22.97
C THR B 99 8.41 -2.96 21.53
N SER B 100 8.08 -1.95 20.73
CA SER B 100 7.42 -2.20 19.46
C SER B 100 7.90 -1.25 18.36
N ARG B 101 8.67 -1.76 17.40
CA ARG B 101 9.21 -0.91 16.35
C ARG B 101 8.26 -0.79 15.16
N GLU B 102 7.87 0.44 14.86
CA GLU B 102 6.85 0.71 13.85
C GLU B 102 7.33 1.63 12.72
N ARG B 103 7.16 1.16 11.49
CA ARG B 103 7.57 1.91 10.32
C ARG B 103 6.39 2.51 9.57
N LEU B 104 6.52 3.78 9.18
CA LEU B 104 5.47 4.42 8.41
C LEU B 104 5.49 3.93 6.95
N ASP B 105 4.34 3.49 6.42
CA ASP B 105 4.28 2.91 5.07
C ASP B 105 3.65 3.87 4.09
N LEU B 106 2.92 4.82 4.63
CA LEU B 106 1.96 5.52 3.85
C LEU B 106 1.71 6.83 4.55
N LEU B 107 1.66 7.90 3.76
CA LEU B 107 1.35 9.21 4.28
C LEU B 107 1.02 10.07 3.09
N ASP B 108 -0.19 10.63 3.08
CA ASP B 108 -0.64 11.42 1.97
C ASP B 108 -1.55 12.53 2.51
N ASP B 109 -0.94 13.65 2.90
CA ASP B 109 -1.67 14.77 3.48
C ASP B 109 -2.83 15.22 2.61
N ASP B 110 -2.75 14.95 1.31
CA ASP B 110 -3.82 15.39 0.44
C ASP B 110 -5.08 14.59 0.68
N ARG B 111 -4.99 13.28 0.47
CA ARG B 111 -6.11 12.37 0.59
C ARG B 111 -6.45 12.00 2.03
N ARG B 112 -5.53 12.29 2.93
CA ARG B 112 -5.66 11.92 4.34
C ARG B 112 -5.66 10.40 4.47
N VAL B 113 -4.48 9.83 4.36
CA VAL B 113 -4.28 8.40 4.47
C VAL B 113 -2.93 8.20 5.13
N THR B 114 -2.88 7.45 6.22
CA THR B 114 -1.60 7.04 6.77
C THR B 114 -1.65 5.53 7.05
N GLY B 115 -0.56 4.95 7.48
CA GLY B 115 -0.50 3.52 7.73
C GLY B 115 0.86 3.07 8.19
N PHE B 116 0.92 2.07 9.05
CA PHE B 116 2.21 1.59 9.50
C PHE B 116 2.28 0.08 9.60
N SER B 117 3.44 -0.40 10.02
CA SER B 117 3.73 -1.82 10.08
C SER B 117 4.56 -2.08 11.33
N ILE B 118 4.23 -3.12 12.06
CA ILE B 118 5.06 -3.47 13.18
C ILE B 118 6.13 -4.41 12.67
N THR B 119 7.36 -3.90 12.58
CA THR B 119 8.42 -4.66 11.95
C THR B 119 9.25 -5.45 12.97
N GLY B 120 9.02 -5.20 14.24
CA GLY B 120 9.69 -5.93 15.31
C GLY B 120 9.27 -5.50 16.70
N GLY B 121 9.39 -6.40 17.67
CA GLY B 121 9.11 -6.06 19.06
C GLY B 121 8.30 -7.08 19.84
N GLU B 122 7.09 -7.36 19.36
CA GLU B 122 6.21 -8.30 20.05
C GLU B 122 5.79 -9.45 19.14
N HIS B 123 6.25 -10.65 19.48
CA HIS B 123 5.85 -11.87 18.78
C HIS B 123 4.45 -12.29 19.26
N ARG B 124 3.56 -11.31 19.40
CA ARG B 124 2.16 -11.54 19.72
C ARG B 124 1.28 -10.90 18.65
N LEU B 125 1.88 -10.06 17.81
CA LEU B 125 1.22 -9.55 16.61
C LEU B 125 2.24 -9.47 15.47
N ARG B 126 2.80 -10.60 15.08
CA ARG B 126 3.82 -10.64 14.02
C ARG B 126 3.28 -10.26 12.64
N ASN B 127 3.89 -9.23 12.04
CA ASN B 127 3.53 -8.74 10.70
C ASN B 127 2.26 -7.91 10.60
N TYR B 128 1.89 -7.26 11.69
CA TYR B 128 0.79 -6.31 11.70
C TYR B 128 1.03 -5.25 10.64
N LYS B 129 -0.05 -4.73 10.06
CA LYS B 129 0.04 -3.67 9.06
C LYS B 129 -1.32 -3.00 8.92
N SER B 130 -1.44 -1.78 9.43
CA SER B 130 -2.73 -1.11 9.39
C SER B 130 -2.73 0.12 8.48
N VAL B 131 -3.91 0.51 8.04
CA VAL B 131 -4.09 1.75 7.31
C VAL B 131 -5.29 2.53 7.82
N THR B 132 -5.13 3.83 7.94
CA THR B 132 -6.16 4.68 8.51
C THR B 132 -6.53 5.77 7.51
N THR B 133 -7.81 6.00 7.30
CA THR B 133 -8.23 7.01 6.35
C THR B 133 -9.29 7.91 6.95
N VAL B 134 -9.26 9.19 6.61
CA VAL B 134 -10.20 10.15 7.17
C VAL B 134 -11.09 10.66 6.06
N HIS B 135 -12.34 11.00 6.38
CA HIS B 135 -13.29 11.33 5.33
C HIS B 135 -14.25 12.47 5.66
N ARG B 136 -14.54 13.30 4.67
CA ARG B 136 -15.38 14.46 4.86
C ARG B 136 -16.82 14.16 4.45
N PHE B 137 -17.78 14.80 5.13
CA PHE B 137 -19.21 14.64 4.78
C PHE B 137 -20.03 15.94 4.90
N GLU B 138 -20.95 16.15 3.95
CA GLU B 138 -21.61 17.45 3.78
C GLU B 138 -22.95 17.63 4.52
N LYS B 139 -23.10 18.79 5.12
CA LYS B 139 -24.33 19.17 5.84
C LYS B 139 -25.09 20.27 5.10
N ILE B 146 -21.52 19.53 9.29
CA ILE B 146 -20.32 18.94 8.70
C ILE B 146 -19.52 18.04 9.66
N TRP B 147 -19.43 16.75 9.32
CA TRP B 147 -18.77 15.76 10.18
C TRP B 147 -17.71 14.89 9.49
N THR B 148 -17.09 14.00 10.26
CA THR B 148 -15.98 13.18 9.80
C THR B 148 -16.18 11.70 10.13
N VAL B 149 -15.73 10.84 9.23
CA VAL B 149 -15.67 9.41 9.50
C VAL B 149 -14.24 8.93 9.36
N VAL B 150 -13.67 8.35 10.42
CA VAL B 150 -12.37 7.72 10.32
C VAL B 150 -12.61 6.25 10.01
N LEU B 151 -11.77 5.67 9.16
CA LEU B 151 -11.77 4.24 8.87
C LEU B 151 -10.40 3.69 9.24
N GLU B 152 -10.34 2.69 10.10
CA GLU B 152 -9.07 1.99 10.30
C GLU B 152 -9.21 0.50 10.04
N SER B 153 -8.22 -0.08 9.39
CA SER B 153 -8.22 -1.52 9.21
C SER B 153 -6.82 -2.07 9.43
N TYR B 154 -6.68 -3.38 9.30
CA TYR B 154 -5.40 -4.01 9.51
C TYR B 154 -5.44 -5.45 9.03
N VAL B 155 -4.27 -6.05 8.95
CA VAL B 155 -4.14 -7.46 8.62
C VAL B 155 -2.93 -7.89 9.41
N VAL B 156 -3.02 -9.06 10.02
CA VAL B 156 -1.91 -9.59 10.79
C VAL B 156 -1.82 -11.10 10.66
N ASP B 157 -0.61 -11.63 10.80
CA ASP B 157 -0.40 -13.06 10.85
C ASP B 157 -1.10 -13.58 12.10
N VAL B 158 -1.42 -14.86 12.13
CA VAL B 158 -2.07 -15.40 13.32
C VAL B 158 -1.07 -16.19 14.14
N PRO B 159 -0.80 -15.71 15.35
CA PRO B 159 0.07 -16.37 16.33
C PRO B 159 -0.23 -17.86 16.36
N GLU B 160 0.76 -18.68 16.00
CA GLU B 160 0.55 -20.13 15.83
C GLU B 160 -0.33 -20.78 16.91
N GLY B 161 -0.35 -20.20 18.10
CA GLY B 161 -1.15 -20.74 19.18
C GLY B 161 -2.62 -20.36 19.19
N ASN B 162 -2.91 -19.08 18.94
CA ASN B 162 -4.27 -18.56 19.09
C ASN B 162 -5.19 -18.92 17.94
N SER B 163 -6.41 -18.41 18.01
CA SER B 163 -7.41 -18.58 16.96
C SER B 163 -7.66 -17.27 16.21
N GLU B 164 -8.32 -17.39 15.07
CA GLU B 164 -8.65 -16.22 14.28
C GLU B 164 -9.51 -15.30 15.13
N GLU B 165 -10.52 -15.86 15.79
CA GLU B 165 -11.47 -15.04 16.52
C GLU B 165 -10.81 -14.26 17.66
N ASP B 166 -9.84 -14.90 18.31
CA ASP B 166 -9.17 -14.32 19.48
C ASP B 166 -8.42 -13.06 19.10
N THR B 167 -7.53 -13.21 18.13
CA THR B 167 -6.75 -12.13 17.58
C THR B 167 -7.64 -10.99 17.08
N ARG B 168 -8.58 -11.33 16.21
CA ARG B 168 -9.48 -10.34 15.63
C ARG B 168 -10.13 -9.54 16.75
N LEU B 169 -10.56 -10.25 17.78
CA LEU B 169 -11.30 -9.66 18.89
C LEU B 169 -10.41 -8.76 19.75
N PHE B 170 -9.15 -9.14 19.86
CA PHE B 170 -8.19 -8.33 20.59
C PHE B 170 -7.93 -7.03 19.84
N ALA B 171 -7.46 -7.16 18.61
CA ALA B 171 -7.16 -6.00 17.79
C ALA B 171 -8.37 -5.09 17.68
N ASP B 172 -9.54 -5.66 17.34
CA ASP B 172 -10.75 -4.86 17.20
C ASP B 172 -11.01 -4.02 18.45
N THR B 173 -10.74 -4.59 19.61
CA THR B 173 -11.06 -3.93 20.83
C THR B 173 -10.12 -2.76 21.08
N VAL B 174 -8.83 -3.00 20.91
CA VAL B 174 -7.87 -1.93 21.10
C VAL B 174 -8.14 -0.79 20.10
N ILE B 175 -8.36 -1.13 18.84
CA ILE B 175 -8.56 -0.12 17.83
C ILE B 175 -9.87 0.64 18.04
N ARG B 176 -10.88 -0.06 18.53
CA ARG B 176 -12.18 0.54 18.78
C ARG B 176 -12.12 1.57 19.91
N LEU B 177 -11.20 1.36 20.85
CA LEU B 177 -11.06 2.31 21.95
C LEU B 177 -10.28 3.51 21.46
N ASN B 178 -9.21 3.23 20.75
CA ASN B 178 -8.37 4.26 20.20
C ASN B 178 -9.23 5.22 19.39
N LEU B 179 -10.06 4.68 18.50
CA LEU B 179 -10.91 5.57 17.72
C LEU B 179 -11.87 6.35 18.61
N GLN B 180 -12.35 5.74 19.68
CA GLN B 180 -13.25 6.44 20.59
C GLN B 180 -12.57 7.63 21.24
N LYS B 181 -11.34 7.44 21.72
CA LYS B 181 -10.59 8.52 22.33
C LYS B 181 -10.32 9.60 21.29
N LEU B 182 -9.99 9.17 20.09
CA LEU B 182 -9.80 10.09 18.99
C LEU B 182 -11.00 11.02 18.86
N ALA B 183 -12.19 10.44 18.83
CA ALA B 183 -13.41 11.24 18.75
C ALA B 183 -13.57 12.16 19.95
N SER B 184 -13.23 11.64 21.13
CA SER B 184 -13.30 12.43 22.36
C SER B 184 -12.52 13.73 22.26
N ILE B 185 -11.30 13.64 21.72
CA ILE B 185 -10.37 14.75 21.81
C ILE B 185 -10.34 15.64 20.57
N THR B 186 -10.97 15.20 19.49
CA THR B 186 -11.04 16.04 18.32
C THR B 186 -12.37 16.76 18.30
N GLU B 187 -13.29 16.31 19.14
CA GLU B 187 -14.51 17.06 19.34
C GLU B 187 -14.20 18.15 20.37
N ALA B 188 -13.25 17.82 21.25
CA ALA B 188 -12.76 18.76 22.26
C ALA B 188 -12.04 19.92 21.60
N MET B 189 -11.17 19.59 20.65
CA MET B 189 -10.45 20.62 19.90
C MET B 189 -11.42 21.54 19.18
N ASN B 190 -12.51 20.98 18.65
CA ASN B 190 -13.48 21.74 17.89
C ASN B 190 -14.16 22.86 18.71
N ARG B 191 -14.32 22.63 20.01
CA ARG B 191 -14.89 23.66 20.90
C ARG B 191 -13.87 24.76 21.20
N ASN B 192 -12.67 24.36 21.59
CA ASN B 192 -11.61 25.30 21.96
C ASN B 192 -11.12 26.15 20.79
N ASN B 193 -11.71 25.93 19.61
CA ASN B 193 -11.39 26.73 18.43
C ASN B 193 -12.50 27.72 18.14
#